data_1L4Z
#
_entry.id   1L4Z
#
_cell.length_a   118.400
_cell.length_b   118.400
_cell.length_c   134.900
_cell.angle_alpha   90.00
_cell.angle_beta   90.00
_cell.angle_gamma   120.00
#
_symmetry.space_group_name_H-M   'P 65 2 2'
#
loop_
_entity.id
_entity.type
_entity.pdbx_description
1 polymer Plasminogen
2 polymer Streptokinase
3 non-polymer 'CADMIUM ION'
4 water water
#
loop_
_entity_poly.entity_id
_entity_poly.type
_entity_poly.pdbx_seq_one_letter_code
_entity_poly.pdbx_strand_id
1 'polypeptide(L)'
;PSFDCGKPQVEPKKCPGRVVGGCVAHPHSWPWQVSLRTRFGMHFCGGTLISPEWVLTAAHCLEKSPRPSSYKVILGAHQE
VNLEPHVQEIEVSRLFLEPTRKDIALLKLSSPAVITDKVIPACLPSPNYVVADRTECFITGWGETQGTFGAGLLKEAQLP
VIENKVCNRYEFLNGRVQSTELCAGHLAGGTDSCQGDAGGPLVCFEKDKYILQGVTSWGLGCARPNKPGVYVRVSRFVTW
IEGVMRNN
;
A
2 'polypeptide(L)'
;MIAGPEALLDRPSVNNSQLVVSVAGTVEGTNQDISLKFFEIDLTSRPASKPFATDSGAMPHKLEKADLLKAIQEQLIANV
HSNDDYFEVIDFASDATITDRNGKVYFADKDGSVTLPTQPVQEFLLSGHVRVRPYK
;
B
#
loop_
_chem_comp.id
_chem_comp.type
_chem_comp.name
_chem_comp.formula
CD non-polymer 'CADMIUM ION' 'Cd 2'
#
# COMPACT_ATOMS: atom_id res chain seq x y z
N PRO A 1 24.64 18.97 -5.80
CA PRO A 1 23.74 17.99 -6.46
C PRO A 1 24.26 16.55 -6.51
N SER A 2 24.90 16.09 -5.43
CA SER A 2 25.40 14.71 -5.35
C SER A 2 24.37 13.96 -4.49
N PHE A 3 23.14 13.92 -5.03
CA PHE A 3 21.94 13.33 -4.43
C PHE A 3 21.17 14.38 -3.63
N ASP A 4 20.23 15.01 -4.32
CA ASP A 4 19.37 16.03 -3.71
C ASP A 4 18.06 15.36 -3.35
N CYS A 5 17.39 15.88 -2.33
CA CYS A 5 16.11 15.31 -1.89
C CYS A 5 15.12 15.35 -3.04
N GLY A 6 14.09 14.53 -2.92
CA GLY A 6 13.03 14.48 -3.92
C GLY A 6 13.35 13.95 -5.29
N LYS A 7 14.61 13.58 -5.50
CA LYS A 7 15.06 13.06 -6.79
C LYS A 7 15.46 11.58 -6.71
N PRO A 8 14.55 10.68 -7.14
CA PRO A 8 14.83 9.25 -7.10
C PRO A 8 15.82 8.85 -8.17
N GLN A 9 16.71 7.93 -7.81
CA GLN A 9 17.75 7.42 -8.72
C GLN A 9 17.30 6.20 -9.48
N VAL A 10 16.00 5.91 -9.41
CA VAL A 10 15.34 4.79 -10.07
C VAL A 10 13.96 5.38 -10.36
N GLU A 11 13.66 5.70 -11.61
CA GLU A 11 12.36 6.31 -11.90
C GLU A 11 11.22 5.50 -11.35
N PRO A 12 10.28 6.16 -10.62
CA PRO A 12 9.10 5.50 -10.02
C PRO A 12 8.13 5.01 -11.09
N LYS A 13 7.50 3.88 -10.84
CA LYS A 13 6.55 3.35 -11.80
C LYS A 13 5.42 4.35 -12.04
N LYS A 14 5.09 5.13 -11.02
CA LYS A 14 4.02 6.11 -11.13
C LYS A 14 2.67 5.49 -11.48
N CYS A 15 2.30 4.47 -10.71
CA CYS A 15 1.04 3.75 -10.83
C CYS A 15 -0.08 4.70 -11.19
N PRO A 16 -0.85 4.39 -12.25
CA PRO A 16 -1.94 5.31 -12.57
C PRO A 16 -2.99 5.36 -11.47
N GLY A 17 -3.83 6.38 -11.50
CA GLY A 17 -4.83 6.51 -10.48
C GLY A 17 -5.99 5.58 -10.68
N ARG A 18 -6.57 5.11 -9.57
CA ARG A 18 -7.72 4.21 -9.58
C ARG A 18 -7.36 2.78 -9.91
N VAL A 19 -6.08 2.47 -10.03
CA VAL A 19 -5.69 1.10 -10.29
C VAL A 19 -6.01 0.29 -9.04
N VAL A 20 -6.92 -0.67 -9.16
CA VAL A 20 -7.30 -1.52 -8.05
C VAL A 20 -6.08 -2.17 -7.40
N GLY A 21 -6.00 -2.09 -6.08
CA GLY A 21 -4.87 -2.67 -5.39
C GLY A 21 -3.60 -1.86 -5.41
N GLY A 22 -3.51 -0.88 -6.31
CA GLY A 22 -2.31 -0.07 -6.38
C GLY A 22 -1.28 -0.78 -7.22
N CYS A 23 -0.01 -0.59 -6.89
CA CYS A 23 1.08 -1.20 -7.62
C CYS A 23 2.27 -1.54 -6.75
N VAL A 24 3.04 -2.55 -7.12
CA VAL A 24 4.24 -2.81 -6.35
C VAL A 24 5.16 -1.77 -6.95
N ALA A 25 5.91 -1.08 -6.11
CA ALA A 25 6.79 -0.06 -6.69
C ALA A 25 8.11 -0.62 -7.18
N HIS A 26 8.78 0.16 -8.02
CA HIS A 26 10.09 -0.19 -8.55
C HIS A 26 10.96 -0.10 -7.32
N PRO A 27 11.79 -1.13 -7.08
CA PRO A 27 12.63 -1.07 -5.89
C PRO A 27 13.49 0.15 -5.87
N HIS A 28 13.49 0.80 -4.72
CA HIS A 28 14.27 1.99 -4.50
C HIS A 28 13.84 3.19 -5.33
N SER A 29 12.61 3.22 -5.83
CA SER A 29 12.14 4.39 -6.56
C SER A 29 11.48 5.37 -5.56
N TRP A 30 11.64 5.11 -4.25
CA TRP A 30 11.12 5.95 -3.14
C TRP A 30 12.14 5.79 -2.01
N PRO A 31 13.34 6.33 -2.21
CA PRO A 31 14.48 6.30 -1.30
C PRO A 31 14.25 6.94 0.06
N TRP A 32 13.19 7.73 0.21
CA TRP A 32 12.95 8.32 1.52
C TRP A 32 12.08 7.43 2.41
N GLN A 33 11.46 6.40 1.81
CA GLN A 33 10.60 5.48 2.56
C GLN A 33 11.31 4.91 3.77
N VAL A 34 10.63 4.94 4.89
CA VAL A 34 11.20 4.44 6.11
C VAL A 34 10.33 3.32 6.62
N SER A 35 10.91 2.45 7.43
CA SER A 35 10.19 1.35 8.03
C SER A 35 10.52 1.44 9.49
N LEU A 36 9.55 1.87 10.27
CA LEU A 36 9.71 2.02 11.70
C LEU A 36 9.49 0.66 12.30
N ARG A 37 10.48 0.13 13.02
CA ARG A 37 10.35 -1.19 13.63
C ARG A 37 10.69 -1.22 15.12
N THR A 38 10.18 -2.23 15.82
CA THR A 38 10.43 -2.39 17.25
C THR A 38 11.81 -3.00 17.47
N ARG A 39 12.25 -3.03 18.73
CA ARG A 39 13.55 -3.63 19.03
C ARG A 39 13.57 -5.08 18.48
N PHE A 40 12.53 -5.85 18.81
CA PHE A 40 12.43 -7.24 18.37
C PHE A 40 12.58 -7.31 16.84
N GLY A 41 12.19 -6.23 16.15
CA GLY A 41 12.36 -6.18 14.71
C GLY A 41 11.14 -6.13 13.81
N MET A 42 9.94 -6.21 14.38
CA MET A 42 8.74 -6.21 13.57
C MET A 42 8.41 -4.82 12.99
N HIS A 43 8.04 -4.79 11.71
CA HIS A 43 7.65 -3.56 11.03
C HIS A 43 6.28 -3.15 11.52
N PHE A 44 6.07 -1.88 11.83
CA PHE A 44 4.75 -1.48 12.31
C PHE A 44 4.20 -0.11 11.89
N CYS A 45 5.04 0.74 11.31
CA CYS A 45 4.61 2.07 10.88
C CYS A 45 5.54 2.57 9.81
N GLY A 46 5.17 3.64 9.13
CA GLY A 46 6.01 4.19 8.09
C GLY A 46 6.69 5.47 8.52
N GLY A 47 7.61 5.94 7.70
CA GLY A 47 8.30 7.16 8.01
C GLY A 47 8.86 7.73 6.73
N THR A 48 9.28 8.99 6.77
CA THR A 48 9.88 9.62 5.60
C THR A 48 11.18 10.21 6.07
N LEU A 49 12.26 9.90 5.38
CA LEU A 49 13.57 10.43 5.73
C LEU A 49 13.57 11.86 5.23
N ILE A 50 13.79 12.82 6.13
CA ILE A 50 13.78 14.22 5.71
C ILE A 50 15.18 14.86 5.62
N SER A 51 16.17 14.21 6.24
CA SER A 51 17.58 14.60 6.25
C SER A 51 18.34 13.39 6.86
N PRO A 52 19.65 13.24 6.58
CA PRO A 52 20.45 12.11 7.09
C PRO A 52 20.19 11.65 8.52
N GLU A 53 19.72 12.56 9.38
CA GLU A 53 19.48 12.20 10.78
C GLU A 53 18.05 12.33 11.26
N TRP A 54 17.13 12.71 10.37
CA TRP A 54 15.76 12.92 10.80
C TRP A 54 14.67 12.23 10.03
N VAL A 55 13.82 11.52 10.75
CA VAL A 55 12.69 10.83 10.11
C VAL A 55 11.41 11.42 10.64
N LEU A 56 10.51 11.72 9.73
CA LEU A 56 9.22 12.28 10.11
C LEU A 56 8.19 11.17 10.11
N THR A 57 7.38 11.10 11.17
CA THR A 57 6.37 10.06 11.26
C THR A 57 5.10 10.54 11.95
N ALA A 58 4.23 9.61 12.33
CA ALA A 58 2.98 9.92 13.01
C ALA A 58 3.13 9.63 14.50
N ALA A 59 2.77 10.60 15.32
CA ALA A 59 2.89 10.49 16.75
C ALA A 59 2.30 9.21 17.25
N HIS A 60 1.10 8.92 16.80
CA HIS A 60 0.37 7.72 17.20
C HIS A 60 1.20 6.46 17.22
N CYS A 61 2.13 6.33 16.28
CA CYS A 61 3.02 5.17 16.21
C CYS A 61 3.90 5.04 17.46
N LEU A 62 4.13 6.16 18.14
CA LEU A 62 4.97 6.16 19.31
C LEU A 62 4.23 5.87 20.62
N GLU A 63 2.92 5.69 20.51
CA GLU A 63 2.07 5.47 21.67
C GLU A 63 2.58 4.48 22.70
N LYS A 64 3.10 3.36 22.23
CA LYS A 64 3.59 2.31 23.13
C LYS A 64 4.80 2.66 24.02
N SER A 65 5.88 3.21 23.47
CA SER A 65 7.04 3.54 24.28
C SER A 65 7.64 4.91 24.01
N PRO A 66 8.00 5.64 25.07
CA PRO A 66 8.58 6.98 24.95
C PRO A 66 10.11 6.87 24.82
N ARG A 67 10.61 5.69 25.15
CA ARG A 67 12.03 5.44 25.07
C ARG A 67 12.44 5.30 23.61
N PRO A 68 13.23 6.25 23.10
CA PRO A 68 13.68 6.20 21.71
C PRO A 68 14.55 4.99 21.43
N SER A 69 14.91 4.29 22.49
CA SER A 69 15.73 3.09 22.37
C SER A 69 14.83 1.91 21.99
N SER A 70 13.53 2.13 22.01
CA SER A 70 12.61 1.05 21.69
C SER A 70 12.27 1.05 20.22
N TYR A 71 12.89 1.96 19.48
CA TYR A 71 12.65 2.08 18.05
C TYR A 71 13.90 1.92 17.21
N LYS A 72 13.75 1.32 16.03
CA LYS A 72 14.84 1.09 15.08
C LYS A 72 14.25 1.60 13.76
N VAL A 73 15.09 1.86 12.78
CA VAL A 73 14.58 2.34 11.50
C VAL A 73 15.17 1.53 10.35
N ILE A 74 14.39 1.27 9.31
CA ILE A 74 14.93 0.54 8.17
C ILE A 74 14.90 1.43 6.93
N LEU A 75 16.08 1.66 6.36
CA LEU A 75 16.19 2.53 5.20
C LEU A 75 16.68 1.78 3.98
N GLY A 76 16.20 2.19 2.82
CA GLY A 76 16.60 1.55 1.56
C GLY A 76 15.93 0.21 1.23
N ALA A 77 14.97 -0.23 2.05
CA ALA A 77 14.27 -1.50 1.88
C ALA A 77 13.13 -1.53 0.89
N HIS A 78 12.80 -2.74 0.46
CA HIS A 78 11.72 -2.93 -0.48
C HIS A 78 10.87 -4.05 0.07
N GLN A 79 11.53 -5.01 0.69
CA GLN A 79 10.88 -6.17 1.28
C GLN A 79 10.63 -5.89 2.75
N GLU A 80 9.41 -6.16 3.19
CA GLU A 80 8.95 -5.93 4.56
C GLU A 80 9.54 -6.85 5.65
N VAL A 81 9.56 -8.15 5.40
CA VAL A 81 10.09 -9.11 6.37
C VAL A 81 11.54 -9.53 6.11
N ASN A 82 11.76 -10.28 5.04
CA ASN A 82 13.09 -10.71 4.66
C ASN A 82 13.78 -9.45 4.23
N LEU A 83 14.85 -9.08 4.90
CA LEU A 83 15.52 -7.85 4.51
C LEU A 83 16.74 -8.05 3.61
N GLU A 84 16.92 -7.09 2.70
CA GLU A 84 18.03 -7.11 1.77
C GLU A 84 19.31 -6.83 2.53
N PRO A 85 20.46 -7.09 1.89
CA PRO A 85 21.77 -6.87 2.50
C PRO A 85 22.14 -5.42 2.66
N HIS A 86 21.82 -4.61 1.65
CA HIS A 86 22.15 -3.19 1.67
C HIS A 86 21.32 -2.34 2.65
N VAL A 87 20.19 -2.88 3.12
CA VAL A 87 19.34 -2.17 4.05
C VAL A 87 20.14 -1.56 5.20
N GLN A 88 19.76 -0.34 5.58
CA GLN A 88 20.41 0.38 6.67
C GLN A 88 19.52 0.37 7.92
N GLU A 89 20.03 -0.15 9.03
CA GLU A 89 19.27 -0.22 10.26
C GLU A 89 19.89 0.73 11.26
N ILE A 90 19.26 1.87 11.48
CA ILE A 90 19.75 2.86 12.44
C ILE A 90 18.81 2.95 13.65
N GLU A 91 19.37 2.92 14.86
CA GLU A 91 18.54 3.03 16.04
C GLU A 91 18.22 4.50 16.22
N VAL A 92 17.17 4.79 16.98
CA VAL A 92 16.72 6.16 17.22
C VAL A 92 17.23 6.70 18.56
N SER A 93 17.58 7.98 18.60
CA SER A 93 18.10 8.56 19.84
C SER A 93 17.09 9.43 20.61
N ARG A 94 16.47 10.39 19.94
CA ARG A 94 15.48 11.26 20.59
C ARG A 94 14.19 11.31 19.78
N LEU A 95 13.09 11.57 20.48
CA LEU A 95 11.78 11.65 19.89
C LEU A 95 11.24 13.05 20.09
N PHE A 96 10.71 13.65 19.04
CA PHE A 96 10.16 14.99 19.16
C PHE A 96 8.73 15.04 18.72
N LEU A 97 7.83 15.17 19.69
CA LEU A 97 6.40 15.23 19.40
C LEU A 97 6.02 16.68 19.11
N GLU A 98 5.29 16.88 18.01
CA GLU A 98 4.87 18.22 17.63
C GLU A 98 3.90 18.68 18.72
N PRO A 99 4.18 19.82 19.36
CA PRO A 99 3.41 20.45 20.44
C PRO A 99 1.96 20.88 20.18
N THR A 100 1.73 21.65 19.12
CA THR A 100 0.39 22.16 18.83
C THR A 100 -0.72 21.18 18.50
N ARG A 101 -0.41 20.08 17.81
CA ARG A 101 -1.42 19.10 17.44
C ARG A 101 -1.07 17.67 17.86
N LYS A 102 0.17 17.44 18.24
CA LYS A 102 0.58 16.13 18.66
C LYS A 102 0.25 15.00 17.69
N ASP A 103 0.14 15.31 16.41
CA ASP A 103 -0.16 14.28 15.43
C ASP A 103 1.06 13.66 14.75
N ILE A 104 2.07 14.46 14.45
CA ILE A 104 3.30 13.92 13.83
C ILE A 104 4.42 13.99 14.84
N ALA A 105 5.51 13.28 14.55
CA ALA A 105 6.67 13.26 15.44
C ALA A 105 7.96 13.19 14.62
N LEU A 106 9.06 13.61 15.24
CA LEU A 106 10.33 13.60 14.56
C LEU A 106 11.26 12.61 15.22
N LEU A 107 11.89 11.80 14.40
CA LEU A 107 12.82 10.81 14.89
C LEU A 107 14.23 11.24 14.51
N LYS A 108 15.12 11.27 15.49
CA LYS A 108 16.50 11.63 15.21
C LYS A 108 17.27 10.34 15.27
N LEU A 109 18.08 10.11 14.26
CA LEU A 109 18.86 8.91 14.18
C LEU A 109 20.09 8.96 15.07
N SER A 110 20.31 7.90 15.83
CA SER A 110 21.46 7.78 16.71
C SER A 110 22.72 8.11 15.90
N SER A 111 22.72 7.81 14.61
CA SER A 111 23.85 8.15 13.76
C SER A 111 23.25 8.50 12.41
N PRO A 112 23.88 9.40 11.65
CA PRO A 112 23.32 9.76 10.34
C PRO A 112 23.15 8.61 9.38
N ALA A 113 22.61 8.90 8.22
CA ALA A 113 22.39 7.86 7.23
C ALA A 113 23.20 8.11 5.98
N VAL A 114 23.89 7.07 5.55
CA VAL A 114 24.69 7.15 4.36
C VAL A 114 23.77 7.37 3.16
N ILE A 115 23.79 8.57 2.63
CA ILE A 115 22.95 8.87 1.49
C ILE A 115 23.48 8.16 0.25
N THR A 116 22.70 7.20 -0.25
CA THR A 116 23.05 6.44 -1.45
C THR A 116 21.96 6.64 -2.49
N ASP A 117 21.96 5.84 -3.55
CA ASP A 117 20.92 5.98 -4.57
C ASP A 117 19.66 5.20 -4.17
N LYS A 118 19.71 4.59 -3.00
CA LYS A 118 18.59 3.82 -2.45
C LYS A 118 18.12 4.49 -1.15
N VAL A 119 18.88 5.49 -0.72
CA VAL A 119 18.56 6.21 0.50
C VAL A 119 18.82 7.70 0.29
N ILE A 120 17.78 8.42 -0.11
CA ILE A 120 17.83 9.85 -0.38
C ILE A 120 16.63 10.52 0.30
N PRO A 121 16.85 11.62 1.03
CA PRO A 121 15.77 12.34 1.72
C PRO A 121 14.73 12.92 0.79
N ALA A 122 13.58 13.29 1.34
CA ALA A 122 12.55 13.88 0.52
C ALA A 122 12.66 15.38 0.80
N CYS A 123 12.14 16.21 -0.10
CA CYS A 123 12.20 17.63 0.13
C CYS A 123 10.98 18.10 0.90
N LEU A 124 11.20 18.96 1.89
CA LEU A 124 10.11 19.53 2.69
C LEU A 124 9.50 20.64 1.84
N PRO A 125 8.27 21.07 2.16
CA PRO A 125 7.69 22.13 1.34
C PRO A 125 7.88 23.53 1.95
N SER A 126 7.33 24.54 1.27
CA SER A 126 7.41 25.89 1.77
C SER A 126 6.38 26.09 2.88
N PRO A 127 6.77 26.77 3.95
CA PRO A 127 5.87 27.00 5.07
C PRO A 127 4.48 27.42 4.68
N ASN A 128 3.50 26.81 5.32
CA ASN A 128 2.10 27.13 5.08
C ASN A 128 1.62 26.95 3.65
N TYR A 129 2.35 26.20 2.84
CA TYR A 129 1.94 25.99 1.46
C TYR A 129 0.66 25.14 1.36
N VAL A 130 -0.14 25.41 0.35
CA VAL A 130 -1.38 24.67 0.15
C VAL A 130 -1.45 24.01 -1.22
N VAL A 131 -1.16 22.71 -1.31
CA VAL A 131 -1.21 22.00 -2.59
C VAL A 131 -2.55 22.20 -3.25
N ALA A 132 -2.54 22.58 -4.52
CA ALA A 132 -3.79 22.83 -5.22
C ALA A 132 -4.62 21.59 -5.40
N ASP A 133 -5.91 21.82 -5.53
CA ASP A 133 -6.86 20.75 -5.73
C ASP A 133 -6.44 20.06 -7.02
N ARG A 134 -6.66 18.76 -7.10
CA ARG A 134 -6.32 17.97 -8.28
C ARG A 134 -4.85 17.61 -8.49
N THR A 135 -3.95 18.19 -7.71
CA THR A 135 -2.53 17.86 -7.89
C THR A 135 -2.29 16.36 -7.71
N GLU A 136 -1.60 15.73 -8.67
CA GLU A 136 -1.32 14.30 -8.53
C GLU A 136 -0.19 14.04 -7.54
N CYS A 137 -0.47 13.21 -6.53
CA CYS A 137 0.53 12.85 -5.54
C CYS A 137 0.62 11.32 -5.43
N PHE A 138 1.49 10.85 -4.55
CA PHE A 138 1.66 9.42 -4.38
C PHE A 138 1.76 9.07 -2.92
N ILE A 139 1.25 7.88 -2.60
CA ILE A 139 1.38 7.42 -1.23
C ILE A 139 2.09 6.12 -1.45
N THR A 140 2.94 5.75 -0.51
CA THR A 140 3.71 4.52 -0.63
C THR A 140 3.79 3.92 0.75
N GLY A 141 3.98 2.61 0.82
CA GLY A 141 4.08 1.98 2.12
C GLY A 141 3.80 0.51 2.06
N TRP A 142 3.77 -0.11 3.23
CA TRP A 142 3.52 -1.52 3.38
C TRP A 142 2.19 -1.66 4.11
N GLY A 143 1.38 -0.60 4.05
CA GLY A 143 0.10 -0.61 4.71
C GLY A 143 -0.83 -1.78 4.41
N GLU A 144 -0.86 -2.26 3.16
CA GLU A 144 -1.73 -3.37 2.80
C GLU A 144 -1.13 -4.75 3.08
N THR A 145 -1.86 -5.57 3.82
CA THR A 145 -1.40 -6.90 4.20
C THR A 145 -2.38 -8.06 3.98
N GLN A 146 -3.36 -7.88 3.09
CA GLN A 146 -4.29 -8.97 2.85
C GLN A 146 -4.07 -9.68 1.54
N GLY A 147 -3.26 -9.10 0.66
CA GLY A 147 -2.98 -9.74 -0.61
C GLY A 147 -2.19 -10.99 -0.34
N THR A 148 -2.38 -12.01 -1.17
CA THR A 148 -1.67 -13.27 -1.00
C THR A 148 -0.39 -13.27 -1.83
N PHE A 149 -0.39 -12.51 -2.91
CA PHE A 149 0.75 -12.39 -3.79
C PHE A 149 1.43 -11.07 -3.52
N GLY A 150 2.76 -11.05 -3.57
CA GLY A 150 3.47 -9.80 -3.34
C GLY A 150 3.48 -9.32 -1.89
N ALA A 151 2.99 -10.14 -0.98
CA ALA A 151 2.97 -9.73 0.43
C ALA A 151 4.37 -9.29 0.82
N GLY A 152 4.48 -8.14 1.49
CA GLY A 152 5.80 -7.68 1.89
C GLY A 152 6.47 -6.67 0.97
N LEU A 153 6.08 -6.59 -0.30
CA LEU A 153 6.72 -5.62 -1.21
C LEU A 153 6.16 -4.21 -1.12
N LEU A 154 7.05 -3.22 -1.04
CA LEU A 154 6.64 -1.84 -0.98
C LEU A 154 5.67 -1.54 -2.11
N LYS A 155 4.54 -0.93 -1.81
CA LYS A 155 3.57 -0.61 -2.85
C LYS A 155 3.30 0.88 -2.96
N GLU A 156 2.70 1.31 -4.07
CA GLU A 156 2.39 2.72 -4.29
C GLU A 156 0.99 2.92 -4.90
N ALA A 157 0.40 4.09 -4.66
CA ALA A 157 -0.89 4.42 -5.24
C ALA A 157 -0.84 5.90 -5.56
N GLN A 158 -1.59 6.30 -6.57
CA GLN A 158 -1.63 7.68 -6.98
C GLN A 158 -2.93 8.31 -6.50
N LEU A 159 -2.80 9.43 -5.78
CA LEU A 159 -3.96 10.14 -5.26
C LEU A 159 -3.92 11.62 -5.59
N PRO A 160 -5.00 12.14 -6.15
CA PRO A 160 -5.00 13.58 -6.48
C PRO A 160 -5.51 14.29 -5.21
N VAL A 161 -4.97 15.46 -4.89
CA VAL A 161 -5.44 16.11 -3.67
C VAL A 161 -6.82 16.67 -3.82
N ILE A 162 -7.59 16.59 -2.74
CA ILE A 162 -8.95 17.10 -2.71
C ILE A 162 -8.98 18.33 -1.82
N GLU A 163 -9.37 19.44 -2.42
CA GLU A 163 -9.48 20.70 -1.74
C GLU A 163 -10.34 20.47 -0.47
N ASN A 164 -9.80 20.83 0.70
CA ASN A 164 -10.52 20.64 1.95
C ASN A 164 -11.97 21.08 1.84
N LYS A 165 -12.20 22.19 1.16
CA LYS A 165 -13.56 22.68 0.99
C LYS A 165 -14.50 21.56 0.50
N VAL A 166 -14.00 20.76 -0.44
CA VAL A 166 -14.77 19.66 -1.02
C VAL A 166 -14.70 18.45 -0.11
N CYS A 167 -13.47 18.16 0.30
CA CYS A 167 -13.19 17.05 1.17
C CYS A 167 -14.16 16.99 2.36
N ASN A 168 -14.55 18.16 2.86
CA ASN A 168 -15.45 18.25 4.00
C ASN A 168 -16.95 18.21 3.74
N ARG A 169 -17.38 18.01 2.49
CA ARG A 169 -18.79 17.93 2.20
C ARG A 169 -19.43 16.71 2.89
N TYR A 170 -20.71 16.85 3.24
CA TYR A 170 -21.47 15.83 3.91
C TYR A 170 -21.21 14.40 3.42
N GLU A 171 -21.14 14.24 2.10
CA GLU A 171 -20.93 12.93 1.48
C GLU A 171 -19.56 12.37 1.78
N PHE A 172 -18.63 13.26 2.09
CA PHE A 172 -17.29 12.78 2.32
C PHE A 172 -16.87 12.76 3.77
N LEU A 173 -16.04 13.70 4.18
CA LEU A 173 -15.58 13.70 5.56
C LEU A 173 -16.42 14.57 6.51
N ASN A 174 -17.48 15.14 5.95
CA ASN A 174 -18.44 15.92 6.70
C ASN A 174 -17.95 16.86 7.79
N GLY A 175 -17.01 17.74 7.44
CA GLY A 175 -16.51 18.71 8.40
C GLY A 175 -15.47 18.24 9.40
N ARG A 176 -14.92 17.06 9.18
CA ARG A 176 -13.91 16.53 10.10
C ARG A 176 -12.45 16.94 9.78
N VAL A 177 -12.21 17.73 8.74
CA VAL A 177 -10.85 18.08 8.38
C VAL A 177 -10.39 19.48 8.66
N GLN A 178 -9.41 19.62 9.55
CA GLN A 178 -8.86 20.92 9.90
C GLN A 178 -7.95 21.40 8.80
N SER A 179 -7.59 22.68 8.88
CA SER A 179 -6.70 23.32 7.88
C SER A 179 -5.32 22.72 8.03
N THR A 180 -5.07 22.10 9.18
CA THR A 180 -3.82 21.46 9.45
C THR A 180 -3.68 20.09 8.74
N GLU A 181 -4.70 19.67 7.99
CA GLU A 181 -4.70 18.40 7.28
C GLU A 181 -5.12 18.59 5.84
N LEU A 182 -4.83 17.60 5.00
CA LEU A 182 -5.24 17.63 3.59
C LEU A 182 -5.86 16.30 3.18
N CYS A 183 -6.49 16.27 2.01
CA CYS A 183 -7.12 15.05 1.56
C CYS A 183 -6.63 14.66 0.21
N ALA A 184 -6.66 13.36 -0.03
CA ALA A 184 -6.23 12.83 -1.30
C ALA A 184 -7.03 11.55 -1.61
N GLY A 185 -7.42 11.39 -2.86
CA GLY A 185 -8.16 10.22 -3.23
C GLY A 185 -8.97 10.50 -4.46
N HIS A 186 -10.02 9.73 -4.68
CA HIS A 186 -10.87 9.92 -5.84
C HIS A 186 -12.28 9.95 -5.26
N LEU A 187 -13.18 10.69 -5.86
CA LEU A 187 -14.51 10.74 -5.31
C LEU A 187 -15.47 9.93 -6.17
N ALA A 188 -14.95 9.49 -7.31
CA ALA A 188 -15.73 8.71 -8.25
C ALA A 188 -14.82 7.63 -8.85
N GLY A 189 -15.42 6.48 -9.14
CA GLY A 189 -14.66 5.38 -9.73
C GLY A 189 -13.36 5.11 -9.02
N GLY A 190 -13.34 5.41 -7.73
CA GLY A 190 -12.14 5.23 -6.94
C GLY A 190 -12.14 3.87 -6.29
N THR A 191 -11.02 3.53 -5.66
CA THR A 191 -10.84 2.24 -4.99
C THR A 191 -10.13 2.39 -3.64
N ASP A 192 -9.93 1.28 -2.94
CA ASP A 192 -9.22 1.30 -1.67
C ASP A 192 -7.84 1.95 -1.86
N SER A 193 -7.43 2.78 -0.92
CA SER A 193 -6.11 3.41 -0.97
C SER A 193 -5.51 3.21 0.42
N CYS A 194 -5.03 2.00 0.64
CA CYS A 194 -4.49 1.66 1.95
C CYS A 194 -3.07 1.08 1.91
N GLN A 195 -2.33 1.40 0.86
CA GLN A 195 -0.95 0.95 0.70
C GLN A 195 -0.01 1.66 1.67
N GLY A 196 -0.32 2.91 2.02
CA GLY A 196 0.55 3.63 2.93
C GLY A 196 0.37 3.22 4.37
N ASP A 197 1.44 3.31 5.15
CA ASP A 197 1.41 2.97 6.57
C ASP A 197 1.05 4.26 7.35
N ALA A 198 0.68 4.10 8.62
CA ALA A 198 0.42 5.28 9.41
C ALA A 198 1.82 5.90 9.46
N GLY A 199 1.90 7.22 9.32
CA GLY A 199 3.20 7.84 9.34
C GLY A 199 3.84 7.73 7.98
N GLY A 200 3.28 6.94 7.10
CA GLY A 200 3.89 6.86 5.79
C GLY A 200 3.89 8.21 5.08
N PRO A 201 4.67 8.38 4.00
CA PRO A 201 4.74 9.63 3.26
C PRO A 201 3.69 9.77 2.17
N LEU A 202 3.40 11.02 1.80
CA LEU A 202 2.50 11.39 0.69
C LEU A 202 3.26 12.53 0.01
N VAL A 203 3.85 12.21 -1.12
CA VAL A 203 4.66 13.15 -1.86
C VAL A 203 4.01 13.61 -3.13
N CYS A 204 4.34 14.83 -3.54
CA CYS A 204 3.79 15.37 -4.78
C CYS A 204 4.96 15.95 -5.59
N PHE A 205 5.07 15.51 -6.82
CA PHE A 205 6.13 15.95 -7.74
C PHE A 205 5.93 17.40 -8.14
N GLU A 206 7.01 18.17 -8.13
CA GLU A 206 6.90 19.58 -8.51
C GLU A 206 8.04 20.04 -9.43
N LYS A 207 7.68 20.28 -10.67
CA LYS A 207 8.63 20.71 -11.69
C LYS A 207 9.66 19.61 -12.02
N ASP A 208 10.36 19.12 -10.99
CA ASP A 208 11.39 18.13 -11.22
C ASP A 208 11.78 17.32 -9.97
N LYS A 209 11.03 17.45 -8.89
CA LYS A 209 11.35 16.66 -7.72
C LYS A 209 10.11 16.34 -6.91
N TYR A 210 10.28 15.51 -5.89
CA TYR A 210 9.17 15.10 -5.04
C TYR A 210 9.21 15.77 -3.69
N ILE A 211 8.16 16.54 -3.41
CA ILE A 211 8.05 17.23 -2.13
C ILE A 211 7.07 16.52 -1.20
N LEU A 212 7.48 16.32 0.04
CA LEU A 212 6.63 15.70 1.06
C LEU A 212 5.51 16.70 1.45
N GLN A 213 4.27 16.43 1.04
CA GLN A 213 3.17 17.33 1.36
C GLN A 213 2.31 16.85 2.53
N GLY A 214 2.23 15.54 2.72
CA GLY A 214 1.44 15.01 3.83
C GLY A 214 1.97 13.75 4.47
N VAL A 215 1.60 13.51 5.73
CA VAL A 215 1.98 12.29 6.42
C VAL A 215 0.71 11.46 6.55
N THR A 216 0.74 10.21 6.12
CA THR A 216 -0.45 9.36 6.20
C THR A 216 -0.90 9.19 7.62
N SER A 217 -2.12 9.66 7.86
CA SER A 217 -2.72 9.62 9.18
C SER A 217 -3.00 8.25 9.73
N TRP A 218 -3.04 8.19 11.06
CA TRP A 218 -3.35 6.94 11.73
C TRP A 218 -4.87 6.70 11.64
N GLY A 219 -5.26 5.60 11.02
CA GLY A 219 -6.68 5.32 10.89
C GLY A 219 -7.32 5.94 9.68
N LEU A 220 -7.58 7.26 9.73
CA LEU A 220 -8.21 7.97 8.61
C LEU A 220 -7.34 8.04 7.36
N GLY A 221 -6.09 7.59 7.47
CA GLY A 221 -5.21 7.59 6.32
C GLY A 221 -5.60 6.54 5.27
N CYS A 222 -6.27 5.47 5.70
CA CYS A 222 -6.70 4.38 4.82
C CYS A 222 -8.16 4.47 4.37
N ALA A 223 -8.40 5.18 3.29
CA ALA A 223 -9.79 5.37 2.83
C ALA A 223 -10.36 4.33 1.89
N ARG A 224 -11.68 4.10 2.04
CA ARG A 224 -12.42 3.17 1.20
C ARG A 224 -12.71 3.84 -0.14
N PRO A 225 -13.25 3.07 -1.09
CA PRO A 225 -13.56 3.67 -2.41
C PRO A 225 -14.42 4.93 -2.37
N ASN A 226 -14.05 5.90 -3.18
CA ASN A 226 -14.76 7.19 -3.28
C ASN A 226 -14.84 8.01 -1.99
N LYS A 227 -13.99 7.66 -1.04
CA LYS A 227 -13.88 8.41 0.21
C LYS A 227 -12.41 8.86 0.19
N PRO A 228 -12.15 10.13 0.50
CA PRO A 228 -10.75 10.55 0.48
C PRO A 228 -10.01 10.22 1.78
N GLY A 229 -8.70 10.07 1.68
CA GLY A 229 -7.91 9.78 2.85
C GLY A 229 -7.45 11.10 3.47
N VAL A 230 -7.11 11.07 4.76
CA VAL A 230 -6.66 12.26 5.45
C VAL A 230 -5.23 12.21 5.94
N TYR A 231 -4.44 13.18 5.49
CA TYR A 231 -3.04 13.30 5.84
C TYR A 231 -2.78 14.58 6.59
N VAL A 232 -1.75 14.57 7.44
CA VAL A 232 -1.37 15.77 8.17
C VAL A 232 -0.72 16.62 7.11
N ARG A 233 -1.07 17.88 7.07
CA ARG A 233 -0.58 18.81 6.06
C ARG A 233 0.76 19.34 6.45
N VAL A 234 1.79 18.60 6.11
CA VAL A 234 3.16 18.96 6.42
C VAL A 234 3.56 20.43 6.31
N SER A 235 3.08 21.16 5.31
CA SER A 235 3.49 22.56 5.21
C SER A 235 3.19 23.34 6.47
N ARG A 236 2.12 22.98 7.15
CA ARG A 236 1.75 23.68 8.36
C ARG A 236 2.70 23.39 9.50
N PHE A 237 3.76 22.61 9.26
CA PHE A 237 4.65 22.29 10.37
C PHE A 237 6.14 22.32 10.00
N VAL A 238 6.44 22.76 8.78
CA VAL A 238 7.83 22.82 8.32
C VAL A 238 8.66 23.63 9.27
N THR A 239 8.18 24.83 9.63
CA THR A 239 8.87 25.74 10.55
C THR A 239 9.31 24.99 11.80
N TRP A 240 8.36 24.35 12.46
CA TRP A 240 8.66 23.59 13.65
C TRP A 240 9.69 22.52 13.31
N ILE A 241 9.53 21.88 12.16
CA ILE A 241 10.46 20.84 11.78
C ILE A 241 11.86 21.44 11.61
N GLU A 242 11.96 22.45 10.75
CA GLU A 242 13.23 23.13 10.51
C GLU A 242 13.91 23.50 11.85
N GLY A 243 13.13 24.02 12.79
CA GLY A 243 13.67 24.41 14.06
C GLY A 243 14.20 23.25 14.89
N VAL A 244 13.48 22.14 14.93
CA VAL A 244 13.94 21.01 15.72
C VAL A 244 15.25 20.47 15.22
N MET A 245 15.38 20.36 13.90
CA MET A 245 16.61 19.84 13.27
C MET A 245 17.75 20.82 13.48
N ARG A 246 17.40 22.09 13.42
CA ARG A 246 18.35 23.16 13.59
C ARG A 246 18.86 23.30 15.03
N ASN A 247 18.13 22.76 16.01
CA ASN A 247 18.55 22.88 17.41
C ASN A 247 18.91 21.57 18.08
N ASN A 248 18.97 20.50 17.32
CA ASN A 248 19.30 19.22 17.91
C ASN A 248 20.19 18.44 16.96
N MET B 1 -26.67 -12.72 -16.62
CA MET B 1 -26.77 -12.44 -15.15
C MET B 1 -25.88 -13.35 -14.31
N ILE B 2 -24.85 -12.80 -13.67
CA ILE B 2 -23.93 -13.62 -12.88
C ILE B 2 -24.12 -13.55 -11.36
N ALA B 3 -24.38 -14.69 -10.75
CA ALA B 3 -24.59 -14.75 -9.31
C ALA B 3 -23.35 -15.28 -8.62
N GLY B 4 -22.77 -14.54 -7.70
CA GLY B 4 -21.58 -15.04 -7.04
C GLY B 4 -21.88 -16.18 -6.10
N PRO B 5 -20.86 -16.80 -5.50
CA PRO B 5 -20.99 -17.92 -4.56
C PRO B 5 -21.44 -17.48 -3.17
N GLU B 6 -21.58 -18.43 -2.25
CA GLU B 6 -21.97 -18.10 -0.88
C GLU B 6 -20.67 -18.10 -0.07
N ALA B 7 -20.71 -17.54 1.14
CA ALA B 7 -19.54 -17.51 1.99
C ALA B 7 -19.20 -18.95 2.36
N LEU B 8 -17.90 -19.28 2.43
CA LEU B 8 -17.50 -20.63 2.75
C LEU B 8 -18.30 -21.20 3.91
N LEU B 9 -18.42 -20.46 5.00
CA LEU B 9 -19.14 -20.93 6.18
C LEU B 9 -20.58 -21.34 5.92
N ASP B 10 -21.10 -20.90 4.78
CA ASP B 10 -22.49 -21.20 4.42
C ASP B 10 -22.61 -22.30 3.40
N ARG B 11 -21.52 -22.60 2.73
CA ARG B 11 -21.57 -23.64 1.72
C ARG B 11 -21.70 -25.04 2.32
N PRO B 12 -22.15 -26.00 1.50
CA PRO B 12 -22.29 -27.37 2.00
C PRO B 12 -20.91 -28.02 2.10
N SER B 13 -20.74 -28.88 3.09
CA SER B 13 -19.48 -29.57 3.30
C SER B 13 -19.11 -30.48 2.12
N VAL B 14 -17.80 -30.64 1.90
CA VAL B 14 -17.29 -31.49 0.82
C VAL B 14 -16.40 -32.59 1.43
N ASN B 15 -15.99 -33.56 0.62
CA ASN B 15 -15.12 -34.62 1.13
C ASN B 15 -13.78 -34.63 0.39
N ASN B 16 -13.61 -33.65 -0.48
CA ASN B 16 -12.39 -33.46 -1.26
C ASN B 16 -12.13 -31.96 -1.31
N SER B 17 -11.19 -31.47 -0.49
CA SER B 17 -10.87 -30.04 -0.46
C SER B 17 -10.71 -29.40 -1.85
N GLN B 18 -11.30 -28.22 -2.00
CA GLN B 18 -11.22 -27.48 -3.26
C GLN B 18 -11.17 -25.98 -3.07
N LEU B 19 -10.65 -25.33 -4.09
CA LEU B 19 -10.53 -23.89 -4.07
C LEU B 19 -11.67 -23.24 -4.85
N VAL B 20 -12.50 -22.45 -4.18
CA VAL B 20 -13.58 -21.73 -4.86
C VAL B 20 -12.95 -20.50 -5.53
N VAL B 21 -13.15 -20.32 -6.83
CA VAL B 21 -12.51 -19.17 -7.42
C VAL B 21 -13.52 -18.13 -7.82
N SER B 22 -13.66 -17.12 -6.97
CA SER B 22 -14.55 -16.03 -7.25
C SER B 22 -13.77 -14.74 -7.37
N VAL B 23 -13.32 -14.41 -8.57
CA VAL B 23 -12.57 -13.19 -8.76
C VAL B 23 -13.25 -12.33 -9.81
N ALA B 24 -12.85 -11.07 -9.89
CA ALA B 24 -13.40 -10.18 -10.90
C ALA B 24 -12.17 -9.71 -11.63
N GLY B 25 -12.37 -9.12 -12.80
CA GLY B 25 -11.22 -8.65 -13.55
C GLY B 25 -11.22 -7.15 -13.63
N THR B 26 -10.05 -6.55 -13.81
CA THR B 26 -9.98 -5.10 -13.93
C THR B 26 -9.31 -4.77 -15.23
N VAL B 27 -10.05 -4.11 -16.11
CA VAL B 27 -9.51 -3.74 -17.41
C VAL B 27 -8.44 -2.68 -17.24
N GLU B 28 -7.21 -3.01 -17.62
CA GLU B 28 -6.17 -2.01 -17.51
C GLU B 28 -6.64 -0.83 -18.36
N GLY B 29 -6.42 0.38 -17.88
CA GLY B 29 -6.84 1.54 -18.63
C GLY B 29 -8.14 2.10 -18.09
N THR B 30 -9.24 1.40 -18.33
CA THR B 30 -10.55 1.87 -17.86
C THR B 30 -10.84 1.49 -16.41
N ASN B 31 -10.15 0.48 -15.90
CA ASN B 31 -10.37 0.02 -14.54
C ASN B 31 -11.79 -0.48 -14.30
N GLN B 32 -12.45 -0.94 -15.35
CA GLN B 32 -13.80 -1.43 -15.15
C GLN B 32 -13.85 -2.89 -14.72
N ASP B 33 -14.81 -3.18 -13.85
CA ASP B 33 -15.00 -4.52 -13.33
C ASP B 33 -15.61 -5.44 -14.37
N ILE B 34 -15.11 -6.67 -14.40
CA ILE B 34 -15.61 -7.67 -15.31
C ILE B 34 -16.00 -8.87 -14.49
N SER B 35 -17.29 -9.14 -14.41
CA SER B 35 -17.80 -10.26 -13.64
C SER B 35 -17.70 -11.57 -14.41
N LEU B 36 -17.17 -12.56 -13.72
CA LEU B 36 -16.92 -13.90 -14.21
C LEU B 36 -17.66 -14.84 -13.28
N LYS B 37 -18.39 -15.82 -13.82
CA LYS B 37 -19.12 -16.77 -13.00
C LYS B 37 -18.08 -17.58 -12.22
N PHE B 38 -18.21 -17.65 -10.90
CA PHE B 38 -17.23 -18.38 -10.11
C PHE B 38 -17.17 -19.84 -10.46
N PHE B 39 -15.99 -20.42 -10.27
CA PHE B 39 -15.77 -21.82 -10.55
C PHE B 39 -14.93 -22.47 -9.46
N GLU B 40 -14.72 -23.78 -9.58
CA GLU B 40 -13.95 -24.52 -8.59
C GLU B 40 -12.76 -25.28 -9.13
N ILE B 41 -11.80 -25.50 -8.23
CA ILE B 41 -10.59 -26.23 -8.52
C ILE B 41 -10.37 -27.25 -7.43
N ASP B 42 -10.05 -28.47 -7.83
CA ASP B 42 -9.83 -29.55 -6.89
C ASP B 42 -8.40 -29.61 -6.40
N LEU B 43 -8.22 -30.06 -5.17
CA LEU B 43 -6.90 -30.14 -4.56
C LEU B 43 -6.48 -31.57 -4.16
N THR B 44 -5.21 -31.90 -4.34
CA THR B 44 -4.66 -33.23 -3.99
C THR B 44 -3.12 -33.28 -3.97
N SER B 45 -2.54 -33.06 -2.79
CA SER B 45 -1.07 -33.08 -2.55
C SER B 45 -0.69 -32.30 -1.27
N ARG B 46 -0.03 -31.14 -1.45
CA ARG B 46 0.41 -30.23 -0.37
C ARG B 46 1.85 -29.80 -0.54
N ALA B 58 -5.75 -33.64 -9.91
CA ALA B 58 -6.24 -32.43 -9.23
C ALA B 58 -5.06 -31.57 -8.77
N MET B 59 -5.22 -30.24 -8.89
CA MET B 59 -4.19 -29.29 -8.49
C MET B 59 -3.73 -29.64 -7.08
N PRO B 60 -2.41 -29.75 -6.87
CA PRO B 60 -1.80 -30.09 -5.58
C PRO B 60 -2.23 -29.13 -4.48
N HIS B 61 -1.94 -29.43 -3.21
CA HIS B 61 -2.26 -28.49 -2.12
C HIS B 61 -1.16 -27.41 -2.12
N LYS B 62 -0.30 -27.44 -3.13
CA LYS B 62 0.74 -26.43 -3.29
C LYS B 62 0.47 -25.84 -4.66
N LEU B 63 -0.28 -24.75 -4.65
CA LEU B 63 -0.70 -24.06 -5.86
C LEU B 63 0.38 -23.17 -6.48
N GLU B 64 0.32 -23.01 -7.79
CA GLU B 64 1.28 -22.16 -8.47
C GLU B 64 0.59 -20.97 -9.10
N LYS B 65 1.07 -19.77 -8.77
CA LYS B 65 0.48 -18.57 -9.31
C LYS B 65 0.16 -18.68 -10.79
N ALA B 66 1.18 -18.98 -11.60
CA ALA B 66 0.97 -19.07 -13.03
C ALA B 66 -0.10 -20.08 -13.34
N ASP B 67 -0.26 -21.06 -12.48
CA ASP B 67 -1.29 -22.05 -12.76
C ASP B 67 -2.67 -21.45 -12.59
N LEU B 68 -2.90 -20.85 -11.42
CA LEU B 68 -4.17 -20.24 -11.11
C LEU B 68 -4.52 -19.28 -12.21
N LEU B 69 -3.58 -18.43 -12.57
CA LEU B 69 -3.88 -17.49 -13.63
C LEU B 69 -4.27 -18.19 -14.91
N LYS B 70 -3.70 -19.36 -15.16
CA LYS B 70 -4.01 -20.10 -16.38
C LYS B 70 -5.45 -20.69 -16.30
N ALA B 71 -5.87 -21.10 -15.11
CA ALA B 71 -7.19 -21.64 -14.94
C ALA B 71 -8.19 -20.50 -15.24
N ILE B 72 -7.96 -19.39 -14.55
CA ILE B 72 -8.75 -18.18 -14.68
C ILE B 72 -8.83 -17.73 -16.13
N GLN B 73 -7.69 -17.74 -16.84
CA GLN B 73 -7.70 -17.32 -18.24
C GLN B 73 -8.56 -18.24 -19.11
N GLU B 74 -8.58 -19.53 -18.77
CA GLU B 74 -9.34 -20.50 -19.53
C GLU B 74 -10.84 -20.25 -19.31
N GLN B 75 -11.21 -20.02 -18.06
CA GLN B 75 -12.59 -19.75 -17.70
C GLN B 75 -13.08 -18.43 -18.29
N LEU B 76 -12.15 -17.51 -18.41
CA LEU B 76 -12.43 -16.18 -18.94
C LEU B 76 -12.84 -16.22 -20.39
N ILE B 77 -12.26 -17.14 -21.15
CA ILE B 77 -12.62 -17.20 -22.56
C ILE B 77 -13.68 -18.24 -22.86
N ALA B 78 -14.12 -18.96 -21.83
CA ALA B 78 -15.14 -19.98 -21.96
C ALA B 78 -16.52 -19.39 -21.77
N ASN B 79 -16.57 -18.14 -21.33
CA ASN B 79 -17.83 -17.46 -21.05
C ASN B 79 -18.08 -16.28 -21.95
N VAL B 80 -17.40 -16.22 -23.07
CA VAL B 80 -17.59 -15.08 -23.95
C VAL B 80 -18.86 -15.26 -24.75
N HIS B 81 -19.82 -14.37 -24.51
CA HIS B 81 -21.09 -14.43 -25.22
C HIS B 81 -20.98 -13.49 -26.39
N SER B 82 -21.91 -13.64 -27.32
CA SER B 82 -21.94 -12.82 -28.51
C SER B 82 -21.52 -11.37 -28.25
N ASN B 83 -22.04 -10.76 -27.18
CA ASN B 83 -21.70 -9.35 -26.88
C ASN B 83 -20.38 -9.05 -26.13
N ASP B 84 -19.78 -10.05 -25.50
CA ASP B 84 -18.54 -9.87 -24.71
C ASP B 84 -17.29 -10.03 -25.56
N ASP B 85 -16.21 -9.35 -25.19
CA ASP B 85 -14.96 -9.52 -25.94
C ASP B 85 -14.01 -10.39 -25.14
N TYR B 86 -12.92 -10.79 -25.80
CA TYR B 86 -11.93 -11.63 -25.16
C TYR B 86 -10.95 -10.82 -24.33
N PHE B 87 -10.57 -11.37 -23.18
CA PHE B 87 -9.64 -10.70 -22.31
C PHE B 87 -8.45 -11.57 -21.98
N GLU B 88 -7.29 -10.93 -21.93
CA GLU B 88 -6.07 -11.62 -21.62
C GLU B 88 -5.73 -11.35 -20.18
N VAL B 89 -5.63 -12.42 -19.39
CA VAL B 89 -5.27 -12.29 -17.98
C VAL B 89 -3.82 -11.78 -17.92
N ILE B 90 -3.60 -10.69 -17.18
CA ILE B 90 -2.26 -10.12 -17.06
C ILE B 90 -1.57 -10.60 -15.79
N ASP B 91 -2.28 -10.56 -14.66
CA ASP B 91 -1.73 -10.98 -13.38
C ASP B 91 -2.73 -10.64 -12.29
N PHE B 92 -2.54 -11.18 -11.10
CA PHE B 92 -3.44 -10.87 -10.01
C PHE B 92 -3.18 -9.44 -9.58
N ALA B 93 -4.24 -8.75 -9.16
CA ALA B 93 -4.09 -7.41 -8.63
C ALA B 93 -3.59 -7.63 -7.21
N SER B 94 -2.96 -6.62 -6.60
CA SER B 94 -2.46 -6.81 -5.24
C SER B 94 -3.64 -7.19 -4.34
N ASP B 95 -4.83 -7.06 -4.91
CA ASP B 95 -6.14 -7.31 -4.31
C ASP B 95 -6.35 -8.79 -3.95
N ALA B 96 -5.86 -9.68 -4.82
CA ALA B 96 -6.01 -11.12 -4.67
C ALA B 96 -5.65 -11.72 -3.31
N THR B 97 -6.58 -12.52 -2.79
CA THR B 97 -6.40 -13.15 -1.49
C THR B 97 -7.05 -14.52 -1.46
N ILE B 98 -6.36 -15.49 -0.86
CA ILE B 98 -6.88 -16.84 -0.71
C ILE B 98 -7.18 -17.01 0.79
N THR B 99 -8.39 -17.41 1.12
CA THR B 99 -8.73 -17.57 2.52
C THR B 99 -9.38 -18.89 2.86
N ASP B 100 -9.44 -19.22 4.14
CA ASP B 100 -10.13 -20.43 4.51
C ASP B 100 -11.49 -19.91 4.95
N ARG B 101 -12.32 -20.81 5.44
CA ARG B 101 -13.66 -20.40 5.81
C ARG B 101 -13.71 -19.38 6.94
N ASN B 102 -12.62 -19.23 7.67
CA ASN B 102 -12.61 -18.29 8.78
C ASN B 102 -12.04 -16.93 8.42
N GLY B 103 -11.48 -16.78 7.23
CA GLY B 103 -10.94 -15.49 6.84
C GLY B 103 -9.44 -15.39 7.01
N LYS B 104 -8.85 -16.49 7.43
CA LYS B 104 -7.41 -16.53 7.61
C LYS B 104 -6.76 -16.50 6.21
N VAL B 105 -5.80 -15.61 6.00
CA VAL B 105 -5.16 -15.53 4.68
C VAL B 105 -3.91 -16.39 4.55
N TYR B 106 -3.75 -17.01 3.38
CA TYR B 106 -2.56 -17.82 3.08
C TYR B 106 -1.69 -16.99 2.14
N PHE B 107 -0.41 -16.94 2.43
CA PHE B 107 0.47 -16.14 1.61
C PHE B 107 1.38 -16.94 0.71
N ALA B 108 1.68 -16.38 -0.44
CA ALA B 108 2.57 -17.04 -1.39
C ALA B 108 4.05 -16.84 -1.00
N ASP B 109 4.91 -17.73 -1.49
CA ASP B 109 6.34 -17.61 -1.22
C ASP B 109 6.94 -16.72 -2.28
N LYS B 110 8.26 -16.68 -2.36
CA LYS B 110 8.87 -15.81 -3.35
C LYS B 110 8.61 -16.33 -4.75
N ASP B 111 8.64 -17.65 -4.91
CA ASP B 111 8.41 -18.24 -6.22
C ASP B 111 6.91 -18.20 -6.54
N GLY B 112 6.19 -17.35 -5.81
CA GLY B 112 4.77 -17.20 -6.06
C GLY B 112 3.87 -18.38 -5.79
N SER B 113 4.34 -19.32 -4.96
CA SER B 113 3.58 -20.52 -4.67
C SER B 113 2.88 -20.50 -3.34
N VAL B 114 1.60 -20.82 -3.35
CA VAL B 114 0.82 -20.86 -2.13
C VAL B 114 0.64 -22.31 -1.78
N THR B 115 0.78 -22.61 -0.49
CA THR B 115 0.65 -23.97 0.00
C THR B 115 -0.47 -24.01 1.00
N LEU B 116 -1.44 -24.88 0.76
CA LEU B 116 -2.63 -25.03 1.60
C LEU B 116 -2.66 -26.34 2.36
N PRO B 117 -3.19 -26.32 3.60
CA PRO B 117 -3.29 -27.49 4.46
C PRO B 117 -3.85 -28.73 3.76
N THR B 118 -3.34 -29.89 4.15
CA THR B 118 -3.82 -31.15 3.58
C THR B 118 -5.10 -31.52 4.34
N GLN B 119 -5.00 -31.54 5.66
CA GLN B 119 -6.12 -31.83 6.53
C GLN B 119 -6.22 -30.63 7.46
N PRO B 120 -7.44 -30.26 7.90
CA PRO B 120 -8.73 -30.89 7.61
C PRO B 120 -9.12 -30.68 6.15
N VAL B 121 -10.17 -31.37 5.72
CA VAL B 121 -10.68 -31.20 4.37
C VAL B 121 -11.60 -30.00 4.47
N GLN B 122 -11.51 -29.11 3.50
CA GLN B 122 -12.32 -27.89 3.51
C GLN B 122 -12.16 -27.18 2.19
N GLU B 123 -12.80 -26.03 2.05
CA GLU B 123 -12.58 -25.29 0.83
C GLU B 123 -12.00 -23.95 1.17
N PHE B 124 -11.24 -23.45 0.22
CA PHE B 124 -10.58 -22.18 0.34
C PHE B 124 -11.17 -21.29 -0.72
N LEU B 125 -11.02 -20.00 -0.55
CA LEU B 125 -11.61 -19.08 -1.50
C LEU B 125 -10.58 -18.16 -2.07
N LEU B 126 -10.62 -17.96 -3.38
CA LEU B 126 -9.69 -17.04 -4.00
C LEU B 126 -10.55 -15.91 -4.55
N SER B 127 -10.44 -14.74 -3.92
CA SER B 127 -11.20 -13.57 -4.36
C SER B 127 -10.30 -12.40 -4.63
N GLY B 128 -10.92 -11.32 -5.09
CA GLY B 128 -10.16 -10.13 -5.43
C GLY B 128 -10.21 -9.96 -6.93
N HIS B 129 -9.36 -9.10 -7.47
CA HIS B 129 -9.32 -8.85 -8.91
C HIS B 129 -8.13 -9.46 -9.62
N VAL B 130 -8.24 -9.52 -10.95
CA VAL B 130 -7.21 -10.06 -11.83
C VAL B 130 -7.06 -8.99 -12.90
N ARG B 131 -5.85 -8.47 -13.08
CA ARG B 131 -5.65 -7.42 -14.08
C ARG B 131 -5.79 -8.04 -15.45
N VAL B 132 -6.51 -7.38 -16.34
CA VAL B 132 -6.69 -7.94 -17.68
C VAL B 132 -6.76 -6.89 -18.75
N ARG B 133 -6.51 -7.30 -19.98
CA ARG B 133 -6.60 -6.36 -21.11
C ARG B 133 -7.34 -7.06 -22.24
N PRO B 134 -8.06 -6.28 -23.05
CA PRO B 134 -8.81 -6.87 -24.16
C PRO B 134 -7.84 -7.51 -25.13
N TYR B 135 -8.14 -8.75 -25.49
CA TYR B 135 -7.31 -9.50 -26.41
C TYR B 135 -7.34 -8.89 -27.79
N LYS B 136 -6.25 -9.10 -28.50
CA LYS B 136 -6.14 -8.63 -29.88
C LYS B 136 -4.86 -9.18 -30.50
CD CD C . 8.11 -1.04 -14.92
CD CD D . 17.17 -4.23 -3.84
CD CD E . -5.08 5.85 20.92
CD CD F . -4.30 3.71 20.01
CD CD G . -14.33 -4.37 -8.26
CD CD H . -17.49 -13.37 -8.20
#